data_1N3E
#
_entry.id   1N3E
#
_cell.length_a   46.730
_cell.length_b   68.440
_cell.length_c   301.490
_cell.angle_alpha   90.00
_cell.angle_beta   90.00
_cell.angle_gamma   90.00
#
_symmetry.space_group_name_H-M   'P 21 21 21'
#
loop_
_entity.id
_entity.type
_entity.pdbx_description
1 polymer "5'-D(*CP*GP*AP*AP*AP*AP*CP*GP*TP*CP*GP*TP*AP*C)-3'"
2 polymer "5'-D(P*GP*AP*CP*GP*TP*TP*TP*TP*CP*G)-3'"
3 polymer 'DNA endonuclease I-CreI'
4 non-polymer 'CALCIUM ION'
5 non-polymer 'SODIUM ION'
6 water water
#
loop_
_entity_poly.entity_id
_entity_poly.type
_entity_poly.pdbx_seq_one_letter_code
_entity_poly.pdbx_strand_id
1 'polydeoxyribonucleotide' (DC)(DG)(DA)(DA)(DA)(DA)(DC)(DG)(DT)(DC)(DG)(DT)(DA)(DC) C,E,I,K
2 'polydeoxyribonucleotide' (DG)(DA)(DC)(DG)(DT)(DT)(DT)(DT)(DC)(DG) D,F,J,L
3 'polypeptide(L)'
;MNTKYNKEFLLYLAGFVDGDGSIIAQIKPNQSYKFKHQLSLTFQVTQKTQRRWFLDKLVDEIGVGYVRDRGSVSDYILSE
IKPLHNFLTQLQPFLKLKQKQANLVLKIIEQLPSAKESPDKFLEVCTWVDQIAALNDSKTRKTTSETVRAVLDSLSEKKK
SSP
;
A,B,G,H
#
loop_
_chem_comp.id
_chem_comp.type
_chem_comp.name
_chem_comp.formula
CA non-polymer 'CALCIUM ION' 'Ca 2'
DA DNA linking 2'-DEOXYADENOSINE-5'-MONOPHOSPHATE 'C10 H14 N5 O6 P'
DC DNA linking 2'-DEOXYCYTIDINE-5'-MONOPHOSPHATE 'C9 H14 N3 O7 P'
DG DNA linking 2'-DEOXYGUANOSINE-5'-MONOPHOSPHATE 'C10 H14 N5 O7 P'
DT DNA linking THYMIDINE-5'-MONOPHOSPHATE 'C10 H15 N2 O8 P'
NA non-polymer 'SODIUM ION' 'Na 1'
#
# COMPACT_ATOMS: atom_id res chain seq x y z
N THR I 3 -9.43 20.17 -21.05
CA THR I 3 -9.00 19.20 -22.11
C THR I 3 -10.13 19.08 -23.16
N LYS I 4 -10.03 19.96 -24.17
CA LYS I 4 -10.99 20.01 -25.26
C LYS I 4 -10.28 19.69 -26.57
N TYR I 5 -10.71 18.61 -27.25
CA TYR I 5 -10.03 18.12 -28.47
C TYR I 5 -10.46 18.64 -29.84
N ASN I 6 -9.56 18.44 -30.79
CA ASN I 6 -9.70 18.84 -32.17
C ASN I 6 -10.66 17.94 -32.95
N LYS I 7 -11.58 18.55 -33.70
CA LYS I 7 -12.58 17.80 -34.46
C LYS I 7 -12.04 16.79 -35.48
N GLU I 8 -11.01 17.15 -36.24
CA GLU I 8 -10.43 16.23 -37.21
C GLU I 8 -9.92 14.99 -36.49
N PHE I 9 -9.28 15.22 -35.36
CA PHE I 9 -8.74 14.14 -34.54
C PHE I 9 -9.85 13.21 -34.06
N LEU I 10 -10.92 13.78 -33.51
CA LEU I 10 -12.05 13.01 -32.97
C LEU I 10 -12.76 12.17 -34.04
N LEU I 11 -12.89 12.73 -35.23
CA LEU I 11 -13.52 12.04 -36.35
C LEU I 11 -12.68 10.83 -36.69
N TYR I 12 -11.38 11.04 -36.81
CA TYR I 12 -10.48 9.95 -37.14
C TYR I 12 -10.49 8.91 -36.02
N LEU I 13 -10.37 9.38 -34.78
CA LEU I 13 -10.32 8.45 -33.67
C LEU I 13 -11.62 7.64 -33.48
N ALA I 14 -12.77 8.27 -33.73
CA ALA I 14 -14.04 7.57 -33.58
C ALA I 14 -14.08 6.37 -34.52
N GLY I 15 -13.59 6.56 -35.75
CA GLY I 15 -13.56 5.45 -36.68
C GLY I 15 -12.53 4.42 -36.22
N PHE I 16 -11.41 4.87 -35.68
CA PHE I 16 -10.44 3.89 -35.25
C PHE I 16 -11.01 3.08 -34.09
N VAL I 17 -11.77 3.75 -33.22
CA VAL I 17 -12.38 3.10 -32.06
C VAL I 17 -13.46 2.10 -32.48
N ASP I 18 -14.32 2.51 -33.41
CA ASP I 18 -15.38 1.64 -33.92
C ASP I 18 -14.76 0.38 -34.46
N GLY I 19 -13.49 0.52 -34.89
CA GLY I 19 -12.73 -0.59 -35.43
C GLY I 19 -12.05 -1.46 -34.40
N ASP I 20 -11.07 -0.91 -33.68
CA ASP I 20 -10.37 -1.72 -32.67
C ASP I 20 -10.48 -1.24 -31.24
N GLY I 21 -11.40 -0.34 -30.97
CA GLY I 21 -11.53 0.15 -29.62
C GLY I 21 -12.51 -0.70 -28.86
N SER I 22 -12.73 -0.30 -27.61
CA SER I 22 -13.68 -0.99 -26.79
C SER I 22 -14.16 0.00 -25.74
N ILE I 23 -15.47 0.00 -25.49
CA ILE I 23 -16.05 0.86 -24.45
C ILE I 23 -16.66 -0.19 -23.52
N ILE I 24 -15.99 -0.33 -22.38
CA ILE I 24 -16.28 -1.34 -21.35
C ILE I 24 -16.75 -0.86 -19.99
N ALA I 25 -17.76 -1.55 -19.46
CA ALA I 25 -18.32 -1.30 -18.14
C ALA I 25 -18.31 -2.65 -17.42
N GLN I 26 -17.76 -2.68 -16.21
CA GLN I 26 -17.68 -3.91 -15.43
C GLN I 26 -18.13 -3.74 -13.99
N ILE I 27 -18.75 -4.78 -13.45
CA ILE I 27 -19.19 -4.82 -12.07
C ILE I 27 -18.14 -5.74 -11.43
N LYS I 28 -17.23 -5.15 -10.66
CA LYS I 28 -16.16 -5.91 -10.02
C LYS I 28 -16.39 -6.29 -8.56
N PRO I 29 -16.45 -7.60 -8.27
CA PRO I 29 -16.67 -8.13 -6.92
C PRO I 29 -15.54 -7.89 -5.93
N ASN I 30 -15.89 -7.48 -4.71
CA ASN I 30 -14.94 -7.21 -3.63
C ASN I 30 -15.62 -6.74 -2.34
N GLN I 31 -15.42 -7.48 -1.25
CA GLN I 31 -16.02 -7.14 0.04
C GLN I 31 -15.71 -5.74 0.52
N SER I 32 -14.51 -5.27 0.26
CA SER I 32 -14.15 -3.93 0.70
C SER I 32 -15.22 -2.88 0.35
N TYR I 33 -15.91 -3.04 -0.78
CA TYR I 33 -16.91 -2.06 -1.18
C TYR I 33 -18.26 -2.17 -0.49
N LYS I 34 -18.88 -1.01 -0.30
CA LYS I 34 -20.17 -0.91 0.34
C LYS I 34 -21.14 -1.97 -0.19
N PHE I 35 -21.31 -2.05 -1.50
CA PHE I 35 -22.21 -3.04 -2.03
C PHE I 35 -21.53 -4.29 -2.54
N LYS I 36 -20.33 -4.52 -2.02
CA LYS I 36 -19.52 -5.68 -2.34
C LYS I 36 -19.09 -5.80 -3.82
N HIS I 37 -19.31 -4.73 -4.58
CA HIS I 37 -18.94 -4.68 -6.00
C HIS I 37 -18.60 -3.25 -6.36
N GLN I 38 -17.60 -3.07 -7.22
CA GLN I 38 -17.20 -1.73 -7.67
C GLN I 38 -17.58 -1.56 -9.14
N LEU I 39 -18.08 -0.39 -9.50
CA LEU I 39 -18.39 -0.15 -10.91
C LEU I 39 -17.09 0.36 -11.50
N SER I 40 -16.70 -0.24 -12.62
CA SER I 40 -15.47 0.14 -13.29
C SER I 40 -15.77 0.49 -14.75
N LEU I 41 -15.11 1.52 -15.25
CA LEU I 41 -15.31 1.93 -16.63
C LEU I 41 -14.00 2.06 -17.35
N THR I 42 -13.98 1.60 -18.60
CA THR I 42 -12.77 1.67 -19.39
C THR I 42 -13.00 2.01 -20.82
N PHE I 43 -12.19 2.92 -21.31
CA PHE I 43 -12.18 3.22 -22.71
C PHE I 43 -10.85 2.68 -23.17
N GLN I 44 -10.81 1.82 -24.17
CA GLN I 44 -9.52 1.28 -24.55
C GLN I 44 -9.35 1.13 -26.07
N VAL I 45 -8.10 1.17 -26.50
CA VAL I 45 -7.73 1.00 -27.90
C VAL I 45 -6.57 0.00 -27.87
N THR I 46 -6.73 -1.10 -28.61
CA THR I 46 -5.74 -2.16 -28.65
C THR I 46 -4.93 -2.11 -29.93
N GLN I 47 -3.68 -2.57 -29.87
CA GLN I 47 -2.87 -2.61 -31.06
C GLN I 47 -1.62 -3.46 -30.84
N LYS I 48 -1.24 -4.13 -31.92
CA LYS I 48 -0.07 -4.98 -31.98
C LYS I 48 1.10 -4.17 -31.42
N THR I 49 1.95 -4.78 -30.60
CA THR I 49 3.02 -3.99 -30.01
C THR I 49 4.02 -3.33 -30.95
N GLN I 50 4.26 -3.87 -32.15
CA GLN I 50 5.19 -3.13 -33.01
C GLN I 50 4.55 -1.79 -33.42
N ARG I 51 3.26 -1.59 -33.18
CA ARG I 51 2.63 -0.32 -33.56
C ARG I 51 2.32 0.55 -32.35
N ARG I 52 2.85 0.10 -31.22
CA ARG I 52 2.71 0.78 -29.96
C ARG I 52 2.91 2.29 -30.00
N TRP I 53 3.70 2.77 -30.96
CA TRP I 53 3.94 4.20 -31.07
C TRP I 53 2.62 4.94 -31.26
N PHE I 54 1.71 4.29 -31.96
CA PHE I 54 0.40 4.84 -32.25
C PHE I 54 -0.35 5.03 -30.93
N LEU I 55 -0.30 4.01 -30.09
CA LEU I 55 -0.97 4.11 -28.81
C LEU I 55 -0.31 5.22 -28.03
N ASP I 56 1.01 5.27 -28.08
CA ASP I 56 1.72 6.31 -27.34
C ASP I 56 1.24 7.68 -27.78
N LYS I 57 1.06 7.87 -29.08
CA LYS I 57 0.59 9.14 -29.59
C LYS I 57 -0.83 9.45 -29.11
N LEU I 58 -1.59 8.45 -28.66
CA LEU I 58 -2.92 8.73 -28.16
C LEU I 58 -2.74 9.35 -26.80
N VAL I 59 -1.79 8.79 -26.04
CA VAL I 59 -1.51 9.30 -24.71
C VAL I 59 -1.13 10.77 -24.77
N ASP I 60 -0.42 11.13 -25.83
CA ASP I 60 0.02 12.49 -26.02
C ASP I 60 -1.14 13.42 -26.40
N GLU I 61 -2.01 13.00 -27.32
CA GLU I 61 -3.10 13.89 -27.70
C GLU I 61 -4.25 13.94 -26.70
N ILE I 62 -4.67 12.81 -26.16
CA ILE I 62 -5.75 12.86 -25.20
C ILE I 62 -5.19 13.50 -23.92
N GLY I 63 -3.89 13.40 -23.73
CA GLY I 63 -3.26 14.01 -22.55
C GLY I 63 -3.52 13.34 -21.22
N VAL I 64 -4.12 12.16 -21.25
CA VAL I 64 -4.41 11.44 -20.03
C VAL I 64 -4.49 9.97 -20.43
N GLY I 65 -4.52 9.07 -19.45
CA GLY I 65 -4.57 7.65 -19.79
C GLY I 65 -3.15 7.14 -19.96
N TYR I 66 -2.98 5.84 -20.17
CA TYR I 66 -1.64 5.28 -20.33
C TYR I 66 -1.63 4.05 -21.22
N VAL I 67 -0.45 3.57 -21.56
CA VAL I 67 -0.35 2.40 -22.41
C VAL I 67 0.15 1.21 -21.60
N ARG I 68 -0.54 0.09 -21.71
CA ARG I 68 -0.08 -1.08 -21.00
C ARG I 68 0.32 -2.07 -22.07
N ASP I 69 1.25 -2.95 -21.72
CA ASP I 69 1.73 -3.97 -22.65
C ASP I 69 1.37 -5.33 -22.11
N ARG I 70 0.85 -6.18 -22.98
CA ARG I 70 0.47 -7.53 -22.60
C ARG I 70 0.99 -8.55 -23.61
N GLY I 71 2.27 -8.43 -23.92
CA GLY I 71 2.90 -9.35 -24.84
C GLY I 71 3.07 -8.79 -26.23
N SER I 72 2.49 -9.51 -27.19
CA SER I 72 2.51 -9.17 -28.60
C SER I 72 1.50 -8.05 -28.84
N VAL I 73 0.71 -7.73 -27.82
CA VAL I 73 -0.30 -6.69 -27.94
C VAL I 73 -0.24 -5.64 -26.83
N SER I 74 -0.69 -4.43 -27.15
CA SER I 74 -0.71 -3.36 -26.16
C SER I 74 -2.08 -2.70 -26.15
N ASP I 75 -2.30 -1.83 -25.18
CA ASP I 75 -3.57 -1.15 -25.07
C ASP I 75 -3.41 0.22 -24.48
N TYR I 76 -4.12 1.15 -25.04
CA TYR I 76 -4.21 2.49 -24.49
C TYR I 76 -5.35 2.35 -23.51
N ILE I 77 -5.18 2.79 -22.28
CA ILE I 77 -6.26 2.65 -21.29
C ILE I 77 -6.66 3.95 -20.61
N LEU I 78 -7.96 4.21 -20.53
CA LEU I 78 -8.50 5.41 -19.86
C LEU I 78 -9.67 4.98 -18.97
N SER I 79 -9.48 5.04 -17.65
CA SER I 79 -10.50 4.67 -16.64
C SER I 79 -10.90 5.78 -15.67
N GLU I 80 -10.04 6.77 -15.50
CA GLU I 80 -10.35 7.87 -14.60
C GLU I 80 -11.66 8.53 -14.98
N ILE I 81 -12.68 8.34 -14.16
CA ILE I 81 -14.01 8.89 -14.35
C ILE I 81 -14.15 10.31 -14.94
N LYS I 82 -13.49 11.28 -14.32
CA LYS I 82 -13.58 12.66 -14.81
C LYS I 82 -13.08 12.85 -16.25
N PRO I 83 -11.79 12.56 -16.53
CA PRO I 83 -11.27 12.72 -17.90
C PRO I 83 -11.89 11.80 -18.94
N LEU I 84 -12.34 10.64 -18.49
CA LEU I 84 -12.99 9.69 -19.38
C LEU I 84 -14.29 10.37 -19.83
N HIS I 85 -15.09 10.83 -18.87
CA HIS I 85 -16.36 11.50 -19.19
C HIS I 85 -16.12 12.66 -20.17
N ASN I 86 -15.05 13.43 -19.92
CA ASN I 86 -14.72 14.57 -20.78
C ASN I 86 -14.36 14.10 -22.18
N PHE I 87 -13.57 13.04 -22.26
CA PHE I 87 -13.19 12.51 -23.55
C PHE I 87 -14.39 11.88 -24.28
N LEU I 88 -15.07 10.94 -23.64
CA LEU I 88 -16.21 10.32 -24.30
C LEU I 88 -17.25 11.31 -24.79
N THR I 89 -17.52 12.36 -24.01
CA THR I 89 -18.50 13.35 -24.43
C THR I 89 -18.14 13.90 -25.81
N GLN I 90 -16.87 14.26 -25.99
CA GLN I 90 -16.43 14.82 -27.26
C GLN I 90 -16.36 13.84 -28.44
N LEU I 91 -16.14 12.56 -28.14
CA LEU I 91 -16.04 11.51 -29.16
C LEU I 91 -17.41 10.96 -29.58
N GLN I 92 -18.31 10.88 -28.60
CA GLN I 92 -19.66 10.36 -28.79
C GLN I 92 -20.37 10.76 -30.09
N PRO I 93 -20.30 12.04 -30.49
CA PRO I 93 -20.95 12.48 -31.72
C PRO I 93 -20.40 11.88 -33.03
N PHE I 94 -19.26 11.23 -32.95
CA PHE I 94 -18.71 10.69 -34.19
C PHE I 94 -18.75 9.17 -34.30
N LEU I 95 -18.99 8.50 -33.19
CA LEU I 95 -19.07 7.06 -33.19
C LEU I 95 -20.30 6.60 -33.95
N LYS I 96 -20.20 5.43 -34.57
CA LYS I 96 -21.31 4.87 -35.31
C LYS I 96 -21.62 3.50 -34.79
N LEU I 97 -20.58 2.74 -34.47
CA LEU I 97 -20.78 1.40 -33.98
C LEU I 97 -20.81 1.28 -32.45
N LYS I 98 -20.12 2.18 -31.75
CA LYS I 98 -20.09 2.12 -30.29
C LYS I 98 -20.66 3.35 -29.61
N GLN I 99 -21.52 4.06 -30.35
CA GLN I 99 -22.14 5.28 -29.86
C GLN I 99 -23.05 4.98 -28.66
N LYS I 100 -23.93 3.99 -28.78
CA LYS I 100 -24.80 3.63 -27.68
C LYS I 100 -24.02 3.24 -26.44
N GLN I 101 -23.00 2.40 -26.58
CA GLN I 101 -22.29 2.09 -25.36
C GLN I 101 -21.62 3.36 -24.81
N ALA I 102 -21.23 4.30 -25.67
CA ALA I 102 -20.63 5.56 -25.18
C ALA I 102 -21.71 6.33 -24.40
N ASN I 103 -22.93 6.39 -24.91
CA ASN I 103 -23.97 7.09 -24.19
C ASN I 103 -24.23 6.44 -22.85
N LEU I 104 -24.24 5.11 -22.84
CA LEU I 104 -24.49 4.40 -21.58
C LEU I 104 -23.42 4.65 -20.53
N VAL I 105 -22.15 4.71 -20.94
CA VAL I 105 -21.07 4.97 -20.00
C VAL I 105 -21.19 6.39 -19.47
N LEU I 106 -21.52 7.33 -20.36
CA LEU I 106 -21.68 8.72 -19.95
C LEU I 106 -22.78 8.80 -18.91
N LYS I 107 -23.86 8.08 -19.16
CA LYS I 107 -25.00 8.06 -18.25
C LYS I 107 -24.62 7.40 -16.91
N ILE I 108 -23.82 6.34 -16.96
CA ILE I 108 -23.41 5.67 -15.73
C ILE I 108 -22.53 6.59 -14.89
N ILE I 109 -21.64 7.31 -15.54
CA ILE I 109 -20.76 8.21 -14.81
C ILE I 109 -21.55 9.30 -14.09
N GLU I 110 -22.42 9.95 -14.83
CA GLU I 110 -23.23 11.02 -14.27
C GLU I 110 -24.09 10.52 -13.09
N GLN I 111 -24.32 9.21 -13.04
CA GLN I 111 -25.14 8.59 -12.01
C GLN I 111 -24.43 8.00 -10.78
N LEU I 112 -23.11 7.88 -10.84
CA LEU I 112 -22.35 7.29 -9.74
C LEU I 112 -22.60 7.78 -8.31
N PRO I 113 -22.71 9.11 -8.10
CA PRO I 113 -22.95 9.71 -6.79
C PRO I 113 -24.15 9.09 -6.09
N SER I 114 -25.30 9.18 -6.73
CA SER I 114 -26.52 8.63 -6.18
C SER I 114 -26.58 7.10 -6.20
N ALA I 115 -25.63 6.45 -6.86
CA ALA I 115 -25.64 4.99 -6.90
C ALA I 115 -24.98 4.39 -5.67
N LYS I 116 -24.28 5.23 -4.90
CA LYS I 116 -23.63 4.74 -3.68
C LYS I 116 -24.70 4.76 -2.61
N GLU I 117 -25.59 5.75 -2.74
CA GLU I 117 -26.68 5.96 -1.80
C GLU I 117 -27.61 4.76 -1.57
N SER I 118 -28.52 4.42 -2.48
CA SER I 118 -29.38 3.26 -2.19
C SER I 118 -28.97 1.97 -2.90
N PRO I 119 -29.38 0.82 -2.33
CA PRO I 119 -29.05 -0.47 -2.94
C PRO I 119 -29.85 -0.66 -4.22
N ASP I 120 -30.95 0.08 -4.36
CA ASP I 120 -31.76 -0.05 -5.56
C ASP I 120 -31.23 0.82 -6.69
N LYS I 121 -30.63 1.96 -6.37
CA LYS I 121 -30.07 2.82 -7.41
C LYS I 121 -28.84 2.13 -7.97
N PHE I 122 -28.06 1.51 -7.07
CA PHE I 122 -26.86 0.80 -7.49
C PHE I 122 -27.20 -0.34 -8.43
N LEU I 123 -28.20 -1.13 -8.07
CA LEU I 123 -28.60 -2.26 -8.91
C LEU I 123 -29.13 -1.78 -10.25
N GLU I 124 -29.77 -0.62 -10.29
CA GLU I 124 -30.29 -0.10 -11.55
C GLU I 124 -29.11 0.22 -12.46
N VAL I 125 -28.12 0.92 -11.91
CA VAL I 125 -26.95 1.27 -12.70
C VAL I 125 -26.29 0.02 -13.26
N CYS I 126 -26.28 -1.05 -12.48
CA CYS I 126 -25.70 -2.32 -12.92
C CYS I 126 -26.44 -2.80 -14.15
N THR I 127 -27.70 -2.42 -14.25
CA THR I 127 -28.54 -2.81 -15.37
C THR I 127 -28.03 -2.16 -16.63
N TRP I 128 -27.51 -0.95 -16.47
CA TRP I 128 -26.99 -0.23 -17.60
C TRP I 128 -25.69 -0.88 -18.03
N VAL I 129 -24.93 -1.46 -17.11
CA VAL I 129 -23.73 -2.09 -17.60
C VAL I 129 -24.10 -3.40 -18.32
N ASP I 130 -25.22 -4.04 -17.97
CA ASP I 130 -25.60 -5.27 -18.71
C ASP I 130 -25.84 -4.88 -20.16
N GLN I 131 -26.50 -3.74 -20.35
CA GLN I 131 -26.82 -3.20 -21.68
C GLN I 131 -25.55 -2.93 -22.49
N ILE I 132 -24.57 -2.32 -21.85
CA ILE I 132 -23.33 -2.07 -22.56
C ILE I 132 -22.70 -3.38 -23.05
N ALA I 133 -22.69 -4.42 -22.22
CA ALA I 133 -22.12 -5.73 -22.61
C ALA I 133 -22.92 -6.44 -23.68
N ALA I 134 -24.24 -6.25 -23.68
CA ALA I 134 -25.09 -6.87 -24.69
C ALA I 134 -24.71 -6.23 -26.03
N LEU I 135 -24.47 -4.93 -26.01
CA LEU I 135 -24.08 -4.21 -27.22
C LEU I 135 -22.72 -4.68 -27.69
N ASN I 136 -21.82 -4.96 -26.75
CA ASN I 136 -20.51 -5.45 -27.14
C ASN I 136 -20.54 -6.91 -27.57
N ASP I 137 -19.48 -7.35 -28.25
CA ASP I 137 -19.36 -8.74 -28.69
C ASP I 137 -18.82 -9.44 -27.44
N SER I 138 -19.67 -9.50 -26.42
CA SER I 138 -19.35 -10.09 -25.13
C SER I 138 -19.32 -11.60 -25.15
N LYS I 139 -18.26 -12.18 -24.59
CA LYS I 139 -18.12 -13.62 -24.60
C LYS I 139 -17.59 -14.33 -23.36
N THR I 140 -17.18 -13.60 -22.33
CA THR I 140 -16.68 -14.27 -21.13
C THR I 140 -17.09 -13.49 -19.87
N ARG I 141 -18.28 -12.92 -19.91
CA ARG I 141 -18.79 -12.13 -18.81
C ARG I 141 -19.26 -13.03 -17.67
N LYS I 142 -18.86 -12.69 -16.44
CA LYS I 142 -19.22 -13.47 -15.26
C LYS I 142 -20.11 -12.71 -14.28
N THR I 143 -19.63 -11.55 -13.84
CA THR I 143 -20.35 -10.71 -12.89
C THR I 143 -21.35 -9.81 -13.61
N THR I 144 -22.61 -10.15 -13.41
CA THR I 144 -23.79 -9.55 -13.99
C THR I 144 -24.57 -8.72 -12.97
N SER I 145 -25.57 -7.96 -13.40
CA SER I 145 -26.37 -7.18 -12.45
C SER I 145 -27.15 -8.21 -11.62
N GLU I 146 -27.52 -9.30 -12.26
CA GLU I 146 -28.26 -10.39 -11.64
C GLU I 146 -27.48 -10.99 -10.50
N THR I 147 -26.17 -11.16 -10.69
CA THR I 147 -25.34 -11.73 -9.64
C THR I 147 -25.25 -10.73 -8.48
N VAL I 148 -25.17 -9.44 -8.78
CA VAL I 148 -25.10 -8.43 -7.72
C VAL I 148 -26.41 -8.47 -6.95
N ARG I 149 -27.47 -8.95 -7.58
CA ARG I 149 -28.71 -8.97 -6.86
C ARG I 149 -28.80 -10.01 -5.75
N ALA I 150 -27.89 -10.97 -5.75
CA ALA I 150 -27.84 -11.94 -4.66
C ALA I 150 -27.24 -11.15 -3.50
N VAL I 151 -27.51 -9.84 -3.52
CA VAL I 151 -27.02 -8.98 -2.46
C VAL I 151 -28.05 -9.13 -1.36
N LEU I 152 -29.30 -9.47 -1.76
CA LEU I 152 -30.39 -9.73 -0.81
C LEU I 152 -29.73 -10.37 0.40
N ASP I 153 -29.37 -9.58 1.41
CA ASP I 153 -28.76 -10.10 2.62
C ASP I 153 -27.57 -11.02 2.31
N THR J 3 -17.06 11.49 -58.55
CA THR J 3 -17.24 10.82 -57.23
C THR J 3 -16.17 11.42 -56.34
N LYS J 4 -16.55 12.56 -55.77
CA LYS J 4 -15.72 13.35 -54.88
C LYS J 4 -16.39 13.31 -53.52
N TYR J 5 -15.72 12.67 -52.53
CA TYR J 5 -16.26 12.44 -51.17
C TYR J 5 -16.16 13.60 -50.18
N ASN J 6 -17.05 13.51 -49.18
CA ASN J 6 -17.15 14.49 -48.10
C ASN J 6 -16.04 14.29 -47.06
N LYS J 7 -15.30 15.35 -46.74
CA LYS J 7 -14.19 15.28 -45.78
C LYS J 7 -14.48 14.59 -44.45
N GLU J 8 -15.59 14.95 -43.80
CA GLU J 8 -15.93 14.32 -42.53
C GLU J 8 -15.99 12.81 -42.72
N PHE J 9 -16.58 12.38 -43.82
CA PHE J 9 -16.72 10.96 -44.10
C PHE J 9 -15.38 10.26 -44.31
N LEU J 10 -14.46 10.92 -45.00
CA LEU J 10 -13.15 10.35 -45.24
C LEU J 10 -12.35 10.25 -43.93
N LEU J 11 -12.39 11.31 -43.13
CA LEU J 11 -11.66 11.28 -41.86
C LEU J 11 -12.10 10.11 -41.01
N TYR J 12 -13.40 9.90 -40.92
CA TYR J 12 -13.91 8.80 -40.13
C TYR J 12 -13.53 7.46 -40.75
N LEU J 13 -13.76 7.30 -42.04
CA LEU J 13 -13.43 6.03 -42.68
C LEU J 13 -11.93 5.72 -42.62
N ALA J 14 -11.09 6.76 -42.65
CA ALA J 14 -9.66 6.53 -42.61
C ALA J 14 -9.28 5.86 -41.30
N GLY J 15 -9.96 6.26 -40.23
CA GLY J 15 -9.68 5.66 -38.94
C GLY J 15 -10.27 4.27 -38.90
N PHE J 16 -11.41 4.03 -39.54
CA PHE J 16 -11.96 2.69 -39.48
C PHE J 16 -11.09 1.74 -40.29
N VAL J 17 -10.60 2.24 -41.42
CA VAL J 17 -9.77 1.44 -42.27
C VAL J 17 -8.45 1.11 -41.56
N ASP J 18 -7.88 2.07 -40.84
CA ASP J 18 -6.63 1.78 -40.13
C ASP J 18 -6.89 0.70 -39.11
N GLY J 19 -8.14 0.65 -38.67
CA GLY J 19 -8.54 -0.34 -37.69
C GLY J 19 -8.82 -1.71 -38.28
N ASP J 20 -9.91 -1.85 -39.02
CA ASP J 20 -10.28 -3.14 -39.60
C ASP J 20 -10.25 -3.18 -41.13
N GLY J 21 -9.58 -2.25 -41.78
CA GLY J 21 -9.54 -2.29 -43.22
C GLY J 21 -8.28 -2.98 -43.72
N SER J 22 -8.12 -3.04 -45.03
CA SER J 22 -6.93 -3.66 -45.58
C SER J 22 -6.71 -3.16 -47.00
N ILE J 23 -5.49 -2.72 -47.28
CA ILE J 23 -5.15 -2.25 -48.62
C ILE J 23 -4.23 -3.35 -49.10
N ILE J 24 -4.71 -4.04 -50.13
CA ILE J 24 -4.07 -5.24 -50.69
C ILE J 24 -3.60 -5.27 -52.16
N ALA J 25 -2.37 -5.71 -52.39
CA ALA J 25 -1.87 -5.87 -53.76
C ALA J 25 -1.49 -7.35 -53.94
N GLN J 26 -1.96 -7.97 -55.02
CA GLN J 26 -1.64 -9.38 -55.26
C GLN J 26 -1.17 -9.67 -56.67
N ILE J 27 -0.20 -10.56 -56.79
CA ILE J 27 0.32 -11.00 -58.09
C ILE J 27 -0.33 -12.36 -58.25
N LYS J 28 -1.33 -12.45 -59.13
CA LYS J 28 -2.05 -13.70 -59.31
C LYS J 28 -1.71 -14.52 -60.54
N PRO J 29 -1.22 -15.74 -60.32
CA PRO J 29 -0.83 -16.66 -61.39
C PRO J 29 -1.91 -17.12 -62.37
N ASN J 30 -1.57 -17.05 -63.66
CA ASN J 30 -2.48 -17.49 -64.71
C ASN J 30 -1.85 -17.38 -66.11
N GLN J 31 -1.80 -18.49 -66.84
CA GLN J 31 -1.21 -18.54 -68.19
C GLN J 31 -1.86 -17.61 -69.20
N SER J 32 -3.16 -17.41 -69.02
CA SER J 32 -3.90 -16.54 -69.91
C SER J 32 -3.24 -15.16 -70.02
N TYR J 33 -2.60 -14.69 -68.96
CA TYR J 33 -1.99 -13.36 -69.03
C TYR J 33 -0.66 -13.34 -69.73
N LYS J 34 -0.34 -12.20 -70.34
CA LYS J 34 0.91 -12.08 -71.06
C LYS J 34 2.11 -12.47 -70.21
N PHE J 35 2.21 -11.98 -69.00
CA PHE J 35 3.35 -12.37 -68.19
C PHE J 35 2.97 -13.48 -67.22
N LYS J 36 1.96 -14.27 -67.56
CA LYS J 36 1.52 -15.39 -66.73
C LYS J 36 1.13 -15.03 -65.29
N HIS J 37 0.86 -13.75 -65.05
CA HIS J 37 0.45 -13.26 -63.74
C HIS J 37 -0.38 -12.00 -63.94
N GLN J 38 -1.41 -11.82 -63.10
CA GLN J 38 -2.27 -10.64 -63.17
C GLN J 38 -2.04 -9.83 -61.91
N LEU J 39 -1.89 -8.51 -62.07
CA LEU J 39 -1.72 -7.64 -60.92
C LEU J 39 -3.15 -7.32 -60.44
N SER J 40 -3.42 -7.48 -59.16
CA SER J 40 -4.75 -7.22 -58.62
C SER J 40 -4.65 -6.32 -57.40
N LEU J 41 -5.55 -5.35 -57.29
CA LEU J 41 -5.53 -4.44 -56.16
C LEU J 41 -6.88 -4.45 -55.50
N THR J 42 -6.89 -4.45 -54.17
CA THR J 42 -8.13 -4.47 -53.45
C THR J 42 -8.14 -3.59 -52.23
N PHE J 43 -9.21 -2.83 -52.10
CA PHE J 43 -9.44 -2.02 -50.91
C PHE J 43 -10.56 -2.77 -50.19
N GLN J 44 -10.35 -3.16 -48.95
CA GLN J 44 -11.44 -3.86 -48.29
C GLN J 44 -11.64 -3.47 -46.84
N VAL J 45 -12.88 -3.66 -46.39
CA VAL J 45 -13.25 -3.41 -45.00
C VAL J 45 -14.01 -4.65 -44.55
N THR J 46 -13.54 -5.27 -43.47
CA THR J 46 -14.17 -6.48 -42.98
C THR J 46 -15.06 -6.20 -41.77
N GLN J 47 -16.11 -6.99 -41.61
CA GLN J 47 -16.98 -6.82 -40.47
C GLN J 47 -17.94 -8.01 -40.31
N LYS J 48 -18.18 -8.31 -39.06
CA LYS J 48 -19.05 -9.38 -38.63
C LYS J 48 -20.36 -9.24 -39.38
N THR J 49 -20.96 -10.34 -39.81
CA THR J 49 -22.17 -10.22 -40.56
C THR J 49 -23.38 -9.58 -39.87
N GLN J 50 -23.48 -9.60 -38.54
CA GLN J 50 -24.65 -8.92 -37.96
C GLN J 50 -24.50 -7.40 -38.10
N ARG J 51 -23.33 -6.93 -38.54
CA ARG J 51 -23.10 -5.50 -38.72
C ARG J 51 -22.84 -5.25 -40.18
N ARG J 52 -23.47 -6.06 -41.01
CA ARG J 52 -23.27 -5.90 -42.42
C ARG J 52 -23.93 -4.63 -42.94
N TRP J 53 -24.90 -4.11 -42.20
CA TRP J 53 -25.57 -2.89 -42.63
C TRP J 53 -24.52 -1.81 -42.78
N PHE J 54 -23.54 -1.86 -41.89
CA PHE J 54 -22.46 -0.89 -41.91
C PHE J 54 -21.65 -1.01 -43.20
N LEU J 55 -21.46 -2.21 -43.72
CA LEU J 55 -20.71 -2.34 -44.96
C LEU J 55 -21.61 -1.85 -46.10
N ASP J 56 -22.90 -2.16 -46.02
CA ASP J 56 -23.86 -1.72 -47.06
C ASP J 56 -23.89 -0.19 -47.11
N LYS J 57 -23.76 0.44 -45.95
CA LYS J 57 -23.76 1.90 -45.93
C LYS J 57 -22.53 2.45 -46.68
N LEU J 58 -21.42 1.71 -46.67
CA LEU J 58 -20.21 2.13 -47.39
C LEU J 58 -20.46 2.08 -48.90
N VAL J 59 -21.12 1.00 -49.35
CA VAL J 59 -21.43 0.85 -50.76
C VAL J 59 -22.23 2.05 -51.25
N ASP J 60 -23.12 2.51 -50.38
CA ASP J 60 -23.99 3.65 -50.68
C ASP J 60 -23.25 4.95 -50.75
N GLU J 61 -22.34 5.21 -49.81
CA GLU J 61 -21.62 6.46 -49.87
C GLU J 61 -20.51 6.49 -50.89
N ILE J 62 -19.74 5.41 -51.00
CA ILE J 62 -18.66 5.39 -51.97
C ILE J 62 -19.29 5.31 -53.37
N GLY J 63 -20.46 4.66 -53.46
CA GLY J 63 -21.17 4.56 -54.72
C GLY J 63 -20.60 3.59 -55.72
N VAL J 64 -19.73 2.71 -55.24
CA VAL J 64 -19.12 1.75 -56.10
C VAL J 64 -18.62 0.66 -55.17
N GLY J 65 -18.27 -0.49 -55.71
CA GLY J 65 -17.82 -1.57 -54.85
C GLY J 65 -19.03 -2.39 -54.47
N TYR J 66 -18.84 -3.38 -53.60
CA TYR J 66 -19.94 -4.22 -53.20
C TYR J 66 -19.59 -4.96 -51.93
N VAL J 67 -20.57 -5.66 -51.37
CA VAL J 67 -20.38 -6.42 -50.15
C VAL J 67 -20.44 -7.93 -50.41
N ARG J 68 -19.45 -8.67 -49.93
CA ARG J 68 -19.53 -10.11 -50.12
C ARG J 68 -19.64 -10.75 -48.75
N ASP J 69 -20.36 -11.86 -48.71
CA ASP J 69 -20.57 -12.59 -47.49
C ASP J 69 -19.74 -13.86 -47.46
N ARG J 70 -19.05 -14.08 -46.36
CA ARG J 70 -18.25 -15.28 -46.17
C ARG J 70 -18.55 -15.87 -44.80
N GLY J 71 -19.79 -16.32 -44.62
CA GLY J 71 -20.19 -16.91 -43.36
C GLY J 71 -20.58 -15.89 -42.31
N SER J 72 -19.91 -15.99 -41.17
CA SER J 72 -20.14 -15.10 -40.03
C SER J 72 -19.51 -13.74 -40.23
N VAL J 73 -18.83 -13.56 -41.36
CA VAL J 73 -18.20 -12.28 -41.62
C VAL J 73 -18.45 -11.84 -43.06
N SER J 74 -18.33 -10.54 -43.31
CA SER J 74 -18.54 -9.99 -44.65
C SER J 74 -17.46 -8.95 -44.96
N ASP J 75 -17.38 -8.55 -46.22
CA ASP J 75 -16.40 -7.54 -46.62
C ASP J 75 -16.91 -6.60 -47.67
N TYR J 76 -16.63 -5.31 -47.43
CA TYR J 76 -16.90 -4.33 -48.44
C TYR J 76 -15.68 -4.49 -49.38
N ILE J 77 -15.90 -4.62 -50.67
CA ILE J 77 -14.79 -4.84 -51.63
C ILE J 77 -14.75 -3.79 -52.77
N LEU J 78 -13.58 -3.21 -53.02
CA LEU J 78 -13.45 -2.25 -54.14
C LEU J 78 -12.17 -2.58 -54.89
N SER J 79 -12.33 -3.13 -56.10
CA SER J 79 -11.19 -3.53 -56.92
C SER J 79 -11.08 -2.84 -58.27
N GLU J 80 -12.16 -2.24 -58.76
CA GLU J 80 -12.12 -1.55 -60.05
C GLU J 80 -11.03 -0.46 -60.03
N ILE J 81 -10.02 -0.61 -60.88
CA ILE J 81 -8.90 0.34 -60.93
C ILE J 81 -9.22 1.84 -60.94
N LYS J 82 -10.11 2.26 -61.84
CA LYS J 82 -10.47 3.66 -61.93
C LYS J 82 -11.08 4.22 -60.64
N PRO J 83 -12.21 3.64 -60.18
CA PRO J 83 -12.79 4.17 -58.93
C PRO J 83 -11.95 3.95 -57.68
N LEU J 84 -11.12 2.93 -57.68
CA LEU J 84 -10.29 2.69 -56.52
C LEU J 84 -9.22 3.76 -56.44
N HIS J 85 -8.71 4.15 -57.60
CA HIS J 85 -7.68 5.20 -57.66
C HIS J 85 -8.30 6.48 -57.15
N ASN J 86 -9.49 6.77 -57.65
CA ASN J 86 -10.20 7.98 -57.23
C ASN J 86 -10.41 7.99 -55.71
N PHE J 87 -10.97 6.91 -55.18
CA PHE J 87 -11.21 6.79 -53.74
C PHE J 87 -9.92 6.87 -52.91
N LEU J 88 -8.92 6.06 -53.23
CA LEU J 88 -7.68 6.10 -52.47
C LEU J 88 -6.96 7.42 -52.44
N THR J 89 -7.06 8.18 -53.52
CA THR J 89 -6.43 9.50 -53.58
C THR J 89 -7.07 10.41 -52.54
N GLN J 90 -8.38 10.34 -52.39
CA GLN J 90 -9.03 11.20 -51.42
C GLN J 90 -8.93 10.70 -49.99
N LEU J 91 -8.80 9.40 -49.81
CA LEU J 91 -8.74 8.85 -48.46
C LEU J 91 -7.33 8.88 -47.89
N GLN J 92 -6.36 8.73 -48.78
CA GLN J 92 -4.94 8.69 -48.47
C GLN J 92 -4.36 9.70 -47.49
N PRO J 93 -4.73 10.97 -47.62
CA PRO J 93 -4.19 11.99 -46.70
C PRO J 93 -4.56 11.85 -45.23
N PHE J 94 -5.59 11.05 -44.94
CA PHE J 94 -6.02 10.89 -43.56
C PHE J 94 -5.55 9.59 -42.93
N LEU J 95 -5.03 8.68 -43.74
CA LEU J 95 -4.56 7.43 -43.19
C LEU J 95 -3.30 7.67 -42.38
N LYS J 96 -3.16 6.90 -41.30
CA LYS J 96 -2.00 6.98 -40.43
C LYS J 96 -1.25 5.66 -40.37
N LEU J 97 -1.97 4.54 -40.47
CA LEU J 97 -1.27 3.27 -40.42
C LEU J 97 -1.11 2.61 -41.79
N LYS J 98 -2.05 2.86 -42.69
CA LYS J 98 -1.99 2.25 -44.01
C LYS J 98 -1.78 3.25 -45.15
N GLN J 99 -1.27 4.43 -44.78
CA GLN J 99 -1.00 5.50 -45.74
C GLN J 99 0.06 5.10 -46.75
N LYS J 100 1.13 4.43 -46.29
CA LYS J 100 2.13 4.01 -47.24
C LYS J 100 1.54 2.99 -48.20
N GLN J 101 0.85 1.97 -47.71
CA GLN J 101 0.34 1.03 -48.71
C GLN J 101 -0.65 1.69 -49.64
N ALA J 102 -1.37 2.70 -49.16
CA ALA J 102 -2.31 3.40 -50.03
C ALA J 102 -1.53 4.14 -51.12
N ASN J 103 -0.43 4.78 -50.77
CA ASN J 103 0.36 5.46 -51.79
C ASN J 103 0.89 4.47 -52.80
N LEU J 104 1.49 3.38 -52.33
CA LEU J 104 2.03 2.36 -53.23
C LEU J 104 0.99 1.85 -54.21
N VAL J 105 -0.25 1.65 -53.74
CA VAL J 105 -1.30 1.19 -54.64
C VAL J 105 -1.57 2.27 -55.69
N LEU J 106 -1.67 3.52 -55.27
CA LEU J 106 -1.90 4.60 -56.23
C LEU J 106 -0.79 4.56 -57.27
N LYS J 107 0.46 4.42 -56.81
CA LYS J 107 1.61 4.38 -57.69
C LYS J 107 1.60 3.16 -58.63
N ILE J 108 1.10 2.03 -58.15
CA ILE J 108 1.03 0.84 -59.00
C ILE J 108 -0.02 1.08 -60.09
N ILE J 109 -1.18 1.61 -59.69
CA ILE J 109 -2.25 1.88 -60.65
C ILE J 109 -1.81 2.84 -61.76
N GLU J 110 -1.12 3.92 -61.39
CA GLU J 110 -0.66 4.89 -62.37
C GLU J 110 0.33 4.25 -63.34
N GLN J 111 1.00 3.22 -62.87
CA GLN J 111 2.02 2.52 -63.61
C GLN J 111 1.62 1.29 -64.42
N LEU J 112 0.36 0.85 -64.29
CA LEU J 112 -0.06 -0.34 -65.02
C LEU J 112 0.09 -0.35 -66.53
N PRO J 113 -0.27 0.76 -67.19
CA PRO J 113 -0.13 0.79 -68.65
C PRO J 113 1.27 0.39 -69.13
N SER J 114 2.30 1.06 -68.60
CA SER J 114 3.66 0.75 -69.01
C SER J 114 4.20 -0.56 -68.46
N ALA J 115 3.47 -1.17 -67.54
CA ALA J 115 3.94 -2.41 -66.97
C ALA J 115 3.54 -3.60 -67.84
N LYS J 116 2.71 -3.37 -68.84
CA LYS J 116 2.33 -4.45 -69.71
C LYS J 116 3.37 -4.52 -70.82
N GLU J 117 3.97 -3.35 -71.08
CA GLU J 117 4.97 -3.23 -72.12
C GLU J 117 6.19 -4.12 -71.91
N SER J 118 7.14 -3.76 -71.03
CA SER J 118 8.31 -4.64 -70.85
C SER J 118 8.25 -5.61 -69.67
N PRO J 119 8.98 -6.73 -69.75
CA PRO J 119 9.01 -7.73 -68.68
C PRO J 119 9.73 -7.13 -67.47
N ASP J 120 10.63 -6.19 -67.73
CA ASP J 120 11.36 -5.59 -66.63
C ASP J 120 10.52 -4.58 -65.88
N LYS J 121 9.68 -3.83 -66.58
CA LYS J 121 8.85 -2.87 -65.88
C LYS J 121 7.85 -3.66 -65.03
N PHE J 122 7.27 -4.71 -65.61
CA PHE J 122 6.31 -5.51 -64.88
C PHE J 122 6.93 -6.00 -63.59
N LEU J 123 8.10 -6.63 -63.69
CA LEU J 123 8.77 -7.14 -62.52
C LEU J 123 9.01 -6.05 -61.47
N GLU J 124 9.31 -4.83 -61.92
CA GLU J 124 9.57 -3.71 -61.00
C GLU J 124 8.31 -3.38 -60.22
N VAL J 125 7.18 -3.37 -60.93
CA VAL J 125 5.91 -3.10 -60.31
C VAL J 125 5.62 -4.17 -59.27
N CYS J 126 6.00 -5.42 -59.56
CA CYS J 126 5.78 -6.52 -58.62
C CYS J 126 6.54 -6.29 -57.33
N THR J 127 7.62 -5.53 -57.44
CA THR J 127 8.46 -5.19 -56.32
C THR J 127 7.66 -4.29 -55.37
N TRP J 128 6.84 -3.42 -55.95
CA TRP J 128 6.03 -2.55 -55.13
C TRP J 128 4.98 -3.36 -54.41
N VAL J 129 4.47 -4.42 -55.05
CA VAL J 129 3.51 -5.18 -54.28
C VAL J 129 4.24 -5.96 -53.18
N ASP J 130 5.54 -6.27 -53.33
CA ASP J 130 6.18 -6.98 -52.22
C ASP J 130 6.26 -6.00 -51.05
N GLN J 131 6.41 -4.72 -51.38
CA GLN J 131 6.51 -3.66 -50.39
C GLN J 131 5.25 -3.49 -49.56
N ILE J 132 4.12 -3.50 -50.25
CA ILE J 132 2.81 -3.35 -49.60
C ILE J 132 2.60 -4.53 -48.62
N ALA J 133 2.95 -5.72 -49.05
CA ALA J 133 2.76 -6.89 -48.20
C ALA J 133 3.69 -6.87 -46.99
N ALA J 134 4.85 -6.22 -47.13
CA ALA J 134 5.81 -6.15 -46.03
C ALA J 134 5.20 -5.25 -44.97
N LEU J 135 4.63 -4.15 -45.43
CA LEU J 135 3.96 -3.17 -44.57
C LEU J 135 2.74 -3.80 -43.89
N ASN J 136 2.03 -4.69 -44.57
CA ASN J 136 0.86 -5.33 -43.97
C ASN J 136 1.29 -6.42 -43.00
N ASP J 137 0.34 -6.90 -42.21
CA ASP J 137 0.61 -7.96 -41.25
C ASP J 137 0.44 -9.29 -42.01
N SER J 138 1.19 -9.43 -43.10
CA SER J 138 1.15 -10.59 -44.00
C SER J 138 1.59 -11.91 -43.39
N LYS J 139 0.90 -12.98 -43.75
CA LYS J 139 1.23 -14.25 -43.15
C LYS J 139 1.04 -15.46 -44.04
N THR J 140 0.36 -15.33 -45.17
CA THR J 140 0.19 -16.51 -46.01
C THR J 140 0.40 -16.24 -47.50
N ARG J 141 1.28 -15.28 -47.77
CA ARG J 141 1.64 -14.87 -49.11
C ARG J 141 2.44 -15.97 -49.83
N LYS J 142 2.07 -16.27 -51.07
CA LYS J 142 2.75 -17.31 -51.85
C LYS J 142 3.41 -16.72 -53.09
N THR J 143 2.64 -16.00 -53.88
CA THR J 143 3.12 -15.39 -55.11
C THR J 143 3.80 -14.04 -54.87
N THR J 144 5.11 -14.08 -55.05
CA THR J 144 6.04 -12.99 -54.82
C THR J 144 6.62 -12.41 -56.12
N SER J 145 7.31 -11.27 -56.03
CA SER J 145 7.91 -10.71 -57.25
C SER J 145 9.01 -11.67 -57.67
N GLU J 146 9.63 -12.30 -56.68
CA GLU J 146 10.70 -13.26 -56.90
C GLU J 146 10.12 -14.43 -57.70
N THR J 147 8.91 -14.86 -57.32
CA THR J 147 8.21 -15.95 -57.97
C THR J 147 7.99 -15.66 -59.45
N VAL J 148 7.62 -14.43 -59.74
CA VAL J 148 7.36 -14.02 -61.09
C VAL J 148 8.65 -14.03 -61.88
N ARG J 149 9.74 -13.77 -61.20
CA ARG J 149 11.00 -13.73 -61.90
C ARG J 149 11.44 -15.03 -62.52
N ALA J 150 10.81 -16.13 -62.14
CA ALA J 150 11.14 -17.42 -62.73
C ALA J 150 10.34 -17.58 -64.02
N VAL J 151 9.98 -16.46 -64.62
CA VAL J 151 9.25 -16.45 -65.89
C VAL J 151 10.37 -16.61 -66.90
N LEU J 152 11.58 -16.24 -66.47
CA LEU J 152 12.80 -16.36 -67.28
C LEU J 152 12.64 -17.56 -68.15
N ASP J 153 12.13 -17.31 -69.34
CA ASP J 153 11.86 -18.34 -70.33
C ASP J 153 11.05 -19.48 -69.69
N THR K 3 18.03 -0.56 11.94
CA THR K 3 17.74 -0.27 13.35
C THR K 3 18.15 -1.43 14.26
N LYS K 4 19.45 -1.45 14.53
CA LYS K 4 20.07 -2.45 15.39
C LYS K 4 20.71 -1.76 16.56
N TYR K 5 20.14 -2.01 17.73
CA TYR K 5 20.53 -1.29 19.00
C TYR K 5 21.77 -1.70 19.75
N ASN K 6 22.22 -0.74 20.54
CA ASN K 6 23.40 -0.87 21.41
C ASN K 6 23.07 -1.69 22.66
N LYS K 7 23.88 -2.69 22.94
CA LYS K 7 23.66 -3.59 24.09
C LYS K 7 23.49 -2.89 25.43
N GLU K 8 24.38 -1.96 25.77
CA GLU K 8 24.28 -1.27 27.04
C GLU K 8 22.92 -0.64 27.17
N PHE K 9 22.44 -0.10 26.06
CA PHE K 9 21.16 0.54 26.04
C PHE K 9 20.03 -0.48 26.28
N LEU K 10 20.04 -1.61 25.57
CA LEU K 10 19.00 -2.62 25.75
C LEU K 10 19.00 -3.17 27.17
N LEU K 11 20.17 -3.43 27.72
CA LEU K 11 20.20 -3.96 29.07
C LEU K 11 19.50 -3.04 30.02
N TYR K 12 19.83 -1.76 29.93
CA TYR K 12 19.23 -0.78 30.82
C TYR K 12 17.72 -0.65 30.62
N LEU K 13 17.29 -0.63 29.36
CA LEU K 13 15.88 -0.47 29.05
C LEU K 13 15.07 -1.71 29.44
N ALA K 14 15.69 -2.88 29.34
CA ALA K 14 15.00 -4.10 29.71
C ALA K 14 14.60 -3.95 31.17
N GLY K 15 15.55 -3.45 31.96
CA GLY K 15 15.29 -3.24 33.37
C GLY K 15 14.25 -2.16 33.61
N PHE K 16 14.23 -1.11 32.78
CA PHE K 16 13.25 -0.05 32.98
C PHE K 16 11.88 -0.56 32.55
N VAL K 17 11.86 -1.38 31.50
CA VAL K 17 10.59 -1.90 31.02
C VAL K 17 9.98 -2.86 32.05
N ASP K 18 10.78 -3.77 32.61
CA ASP K 18 10.30 -4.70 33.62
C ASP K 18 9.74 -3.92 34.78
N GLY K 19 10.19 -2.68 34.92
CA GLY K 19 9.74 -1.82 36.00
C GLY K 19 8.46 -1.06 35.70
N ASP K 20 8.52 -0.13 34.75
CA ASP K 20 7.36 0.69 34.39
C ASP K 20 6.86 0.51 32.97
N GLY K 21 7.34 -0.51 32.29
CA GLY K 21 6.91 -0.77 30.93
C GLY K 21 5.71 -1.69 30.86
N SER K 22 5.22 -1.92 29.64
CA SER K 22 4.09 -2.78 29.43
C SER K 22 4.04 -3.33 28.00
N ILE K 23 4.00 -4.65 27.88
CA ILE K 23 3.93 -5.30 26.58
C ILE K 23 2.50 -5.83 26.50
N ILE K 24 1.73 -5.13 25.65
CA ILE K 24 0.31 -5.37 25.47
C ILE K 24 -0.10 -5.98 24.14
N ALA K 25 -1.17 -6.77 24.19
CA ALA K 25 -1.75 -7.40 23.01
C ALA K 25 -3.25 -7.25 23.20
N GLN K 26 -3.96 -6.75 22.20
CA GLN K 26 -5.40 -6.59 22.35
C GLN K 26 -6.18 -7.10 21.15
N ILE K 27 -7.40 -7.51 21.40
CA ILE K 27 -8.30 -7.95 20.36
C ILE K 27 -9.32 -6.85 20.33
N LYS K 28 -9.28 -6.04 19.29
CA LYS K 28 -10.17 -4.89 19.16
C LYS K 28 -11.35 -5.10 18.23
N PRO K 29 -12.57 -4.98 18.78
CA PRO K 29 -13.82 -5.15 18.05
C PRO K 29 -14.15 -4.08 16.99
N ASN K 30 -14.57 -4.51 15.81
CA ASN K 30 -14.93 -3.58 14.75
C ASN K 30 -15.40 -4.33 13.51
N GLN K 31 -16.61 -4.02 13.04
CA GLN K 31 -17.16 -4.69 11.86
C GLN K 31 -16.33 -4.55 10.61
N SER K 32 -15.67 -3.41 10.47
CA SER K 32 -14.89 -3.22 9.27
C SER K 32 -13.95 -4.39 9.03
N TYR K 33 -13.41 -5.00 10.09
CA TYR K 33 -12.48 -6.10 9.86
C TYR K 33 -13.06 -7.43 9.46
N LYS K 34 -12.29 -8.15 8.64
CA LYS K 34 -12.67 -9.45 8.15
C LYS K 34 -13.34 -10.26 9.24
N PHE K 35 -12.62 -10.48 10.32
CA PHE K 35 -13.19 -11.25 11.41
C PHE K 35 -13.81 -10.42 12.51
N LYS K 36 -14.18 -9.19 12.17
CA LYS K 36 -14.84 -8.29 13.11
C LYS K 36 -13.96 -7.81 14.30
N HIS K 37 -12.67 -8.13 14.30
CA HIS K 37 -11.77 -7.73 15.36
C HIS K 37 -10.38 -7.39 14.84
N GLN K 38 -9.72 -6.35 15.41
CA GLN K 38 -8.33 -5.99 14.97
C GLN K 38 -7.30 -6.43 16.01
N LEU K 39 -6.39 -7.29 15.64
CA LEU K 39 -5.32 -7.65 16.53
C LEU K 39 -4.44 -6.44 16.65
N SER K 40 -4.10 -6.05 17.86
CA SER K 40 -3.29 -4.87 18.10
C SER K 40 -2.18 -5.19 19.08
N LEU K 41 -0.99 -4.64 18.82
CA LEU K 41 0.15 -4.87 19.69
C LEU K 41 0.79 -3.55 20.08
N THR K 42 1.19 -3.42 21.34
CA THR K 42 1.80 -2.20 21.81
C THR K 42 2.91 -2.43 22.79
N PHE K 43 4.02 -1.77 22.58
CA PHE K 43 5.13 -1.76 23.51
C PHE K 43 5.10 -0.39 24.13
N GLN K 44 4.88 -0.25 25.42
CA GLN K 44 4.84 1.12 25.97
C GLN K 44 5.64 1.29 27.23
N VAL K 45 6.05 2.54 27.48
CA VAL K 45 6.74 2.88 28.71
C VAL K 45 6.02 4.13 29.21
N THR K 46 5.58 4.09 30.46
CA THR K 46 4.85 5.22 31.02
C THR K 46 5.70 5.99 32.00
N GLN K 47 5.54 7.30 32.01
CA GLN K 47 6.27 8.09 32.96
C GLN K 47 5.54 9.39 33.21
N LYS K 48 5.65 9.87 34.43
CA LYS K 48 5.01 11.11 34.87
C LYS K 48 5.41 12.19 33.85
N THR K 49 4.52 13.11 33.53
CA THR K 49 4.87 14.10 32.52
C THR K 49 6.05 15.03 32.81
N GLN K 50 6.38 15.28 34.07
CA GLN K 50 7.53 16.14 34.29
C GLN K 50 8.82 15.43 33.85
N ARG K 51 8.77 14.11 33.62
CA ARG K 51 9.94 13.36 33.19
C ARG K 51 9.81 12.92 31.74
N ARG K 52 8.89 13.56 31.02
CA ARG K 52 8.68 13.22 29.65
C ARG K 52 9.95 13.30 28.78
N TRP K 53 10.91 14.14 29.14
CA TRP K 53 12.15 14.23 28.36
C TRP K 53 12.72 12.83 28.20
N PHE K 54 12.51 12.02 29.22
CA PHE K 54 13.01 10.66 29.22
C PHE K 54 12.30 9.81 28.17
N LEU K 55 11.00 10.00 28.01
CA LEU K 55 10.28 9.24 27.00
C LEU K 55 10.72 9.76 25.67
N ASP K 56 10.94 11.08 25.59
CA ASP K 56 11.37 11.69 24.35
C ASP K 56 12.71 11.09 23.94
N LYS K 57 13.60 10.88 24.91
CA LYS K 57 14.90 10.28 24.62
C LYS K 57 14.72 8.86 24.05
N LEU K 58 13.64 8.19 24.40
CA LEU K 58 13.42 6.85 23.87
C LEU K 58 13.05 6.95 22.40
N VAL K 59 12.22 7.94 22.07
CA VAL K 59 11.84 8.14 20.69
C VAL K 59 13.09 8.28 19.83
N ASP K 60 14.05 9.08 20.33
CA ASP K 60 15.31 9.34 19.65
C ASP K 60 16.19 8.10 19.50
N GLU K 61 16.35 7.35 20.58
CA GLU K 61 17.20 6.16 20.54
C GLU K 61 16.58 5.02 19.74
N ILE K 62 15.30 4.74 19.96
CA ILE K 62 14.66 3.66 19.25
C ILE K 62 14.45 4.08 17.79
N GLY K 63 14.29 5.38 17.60
CA GLY K 63 14.15 5.94 16.26
C GLY K 63 12.86 5.63 15.56
N VAL K 64 11.82 5.41 16.34
CA VAL K 64 10.53 5.10 15.81
C VAL K 64 9.64 5.14 17.03
N GLY K 65 8.33 5.25 16.83
CA GLY K 65 7.43 5.34 17.97
C GLY K 65 7.22 6.79 18.33
N TYR K 66 6.41 7.06 19.32
CA TYR K 66 6.16 8.45 19.68
C TYR K 66 5.70 8.57 21.12
N VAL K 67 5.54 9.81 21.59
CA VAL K 67 5.11 10.07 22.95
C VAL K 67 3.74 10.73 22.99
N ARG K 68 2.83 10.14 23.76
CA ARG K 68 1.51 10.72 23.89
C ARG K 68 1.33 11.21 25.30
N ASP K 69 0.54 12.26 25.45
CA ASP K 69 0.31 12.83 26.75
C ASP K 69 -1.12 12.58 27.20
N ARG K 70 -1.28 12.16 28.45
CA ARG K 70 -2.61 11.93 28.98
C ARG K 70 -2.69 12.61 30.34
N GLY K 71 -2.44 13.92 30.37
CA GLY K 71 -2.51 14.67 31.61
C GLY K 71 -1.24 14.75 32.44
N SER K 72 -1.31 14.24 33.66
CA SER K 72 -0.16 14.24 34.54
C SER K 72 0.82 13.17 34.10
N VAL K 73 0.38 12.32 33.17
CA VAL K 73 1.20 11.20 32.69
C VAL K 73 1.38 11.07 31.16
N SER K 74 2.50 10.48 30.75
CA SER K 74 2.79 10.32 29.33
C SER K 74 3.22 8.90 29.05
N ASP K 75 3.25 8.56 27.77
CA ASP K 75 3.66 7.22 27.39
C ASP K 75 4.40 7.24 26.09
N TYR K 76 5.46 6.50 26.05
CA TYR K 76 6.17 6.25 24.84
C TYR K 76 5.39 5.07 24.28
N ILE K 77 5.04 5.11 23.01
CA ILE K 77 4.23 4.06 22.39
C ILE K 77 4.87 3.55 21.12
N LEU K 78 4.97 2.22 20.97
CA LEU K 78 5.51 1.62 19.74
C LEU K 78 4.55 0.53 19.26
N SER K 79 3.77 0.81 18.21
CA SER K 79 2.80 -0.17 17.71
C SER K 79 3.06 -0.73 16.33
N GLU K 80 3.79 0.00 15.49
CA GLU K 80 4.09 -0.49 14.16
C GLU K 80 4.70 -1.89 14.19
N ILE K 81 4.00 -2.85 13.61
CA ILE K 81 4.45 -4.24 13.56
C ILE K 81 5.90 -4.51 13.16
N LYS K 82 6.35 -3.92 12.07
CA LYS K 82 7.72 -4.16 11.61
C LYS K 82 8.82 -3.71 12.57
N PRO K 83 8.81 -2.43 12.97
CA PRO K 83 9.85 -1.96 13.89
C PRO K 83 9.71 -2.56 15.28
N LEU K 84 8.47 -2.90 15.67
CA LEU K 84 8.20 -3.48 16.97
C LEU K 84 8.87 -4.83 17.05
N HIS K 85 8.70 -5.61 16.00
CA HIS K 85 9.29 -6.93 15.96
C HIS K 85 10.81 -6.83 16.06
N ASN K 86 11.37 -5.88 15.33
CA ASN K 86 12.80 -5.68 15.34
C ASN K 86 13.27 -5.26 16.74
N PHE K 87 12.50 -4.41 17.39
CA PHE K 87 12.89 -3.96 18.71
C PHE K 87 12.80 -5.08 19.74
N LEU K 88 11.62 -5.69 19.87
CA LEU K 88 11.43 -6.76 20.85
C LEU K 88 12.38 -7.95 20.66
N THR K 89 12.80 -8.22 19.42
CA THR K 89 13.75 -9.31 19.23
C THR K 89 15.07 -8.94 19.93
N GLN K 90 15.48 -7.69 19.81
CA GLN K 90 16.74 -7.33 20.45
C GLN K 90 16.61 -7.07 21.94
N LEU K 91 15.41 -6.78 22.42
CA LEU K 91 15.25 -6.51 23.85
C LEU K 91 14.96 -7.78 24.64
N GLN K 92 14.15 -8.63 24.04
CA GLN K 92 13.72 -9.88 24.62
C GLN K 92 14.74 -10.64 25.50
N PRO K 93 15.99 -10.81 25.04
CA PRO K 93 17.01 -11.53 25.82
C PRO K 93 17.36 -10.94 27.19
N PHE K 94 17.05 -9.67 27.41
CA PHE K 94 17.42 -9.06 28.68
C PHE K 94 16.25 -8.93 29.62
N LEU K 95 15.05 -9.17 29.12
CA LEU K 95 13.90 -9.07 29.99
C LEU K 95 13.89 -10.21 30.98
N LYS K 96 13.42 -9.92 32.18
CA LYS K 96 13.31 -10.91 33.22
C LYS K 96 11.84 -11.09 33.59
N LEU K 97 11.14 -9.98 33.82
CA LEU K 97 9.73 -10.09 34.17
C LEU K 97 8.75 -10.19 33.01
N LYS K 98 9.00 -9.48 31.92
CA LYS K 98 8.09 -9.50 30.78
C LYS K 98 8.65 -10.18 29.54
N GLN K 99 9.56 -11.13 29.74
CA GLN K 99 10.17 -11.83 28.64
C GLN K 99 9.20 -12.77 27.93
N LYS K 100 8.36 -13.45 28.69
CA LYS K 100 7.40 -14.33 28.07
C LYS K 100 6.41 -13.51 27.26
N GLN K 101 5.88 -12.41 27.78
CA GLN K 101 4.94 -11.72 26.93
C GLN K 101 5.63 -11.14 25.69
N ALA K 102 6.92 -10.82 25.81
CA ALA K 102 7.66 -10.32 24.67
C ALA K 102 7.71 -11.44 23.61
N ASN K 103 7.99 -12.66 24.02
CA ASN K 103 8.06 -13.77 23.08
C ASN K 103 6.73 -14.05 22.43
N LEU K 104 5.67 -13.95 23.23
CA LEU K 104 4.34 -14.17 22.72
C LEU K 104 4.05 -13.14 21.63
N VAL K 105 4.44 -11.89 21.87
CA VAL K 105 4.19 -10.85 20.88
C VAL K 105 4.98 -11.10 19.60
N LEU K 106 6.22 -11.53 19.74
CA LEU K 106 7.05 -11.81 18.57
C LEU K 106 6.38 -12.96 17.81
N LYS K 107 5.88 -13.94 18.54
CA LYS K 107 5.22 -15.09 17.92
C LYS K 107 3.87 -14.73 17.27
N ILE K 108 3.17 -13.75 17.82
CA ILE K 108 1.90 -13.32 17.24
C ILE K 108 2.18 -12.59 15.93
N ILE K 109 3.14 -11.67 15.95
CA ILE K 109 3.50 -10.89 14.77
C ILE K 109 3.91 -11.80 13.60
N GLU K 110 4.77 -12.77 13.90
CA GLU K 110 5.27 -13.69 12.89
C GLU K 110 4.14 -14.47 12.26
N GLN K 111 3.04 -14.54 13.00
CA GLN K 111 1.88 -15.28 12.59
C GLN K 111 0.70 -14.51 12.00
N LEU K 112 0.78 -13.20 11.96
CA LEU K 112 -0.34 -12.41 11.43
C LEU K 112 -0.77 -12.73 10.00
N PRO K 113 0.19 -12.96 9.08
CA PRO K 113 -0.18 -13.26 7.70
C PRO K 113 -1.20 -14.40 7.58
N SER K 114 -0.82 -15.58 8.07
CA SER K 114 -1.70 -16.74 8.02
C SER K 114 -2.94 -16.61 8.90
N ALA K 115 -2.92 -15.65 9.82
CA ALA K 115 -4.07 -15.47 10.69
C ALA K 115 -5.23 -14.74 10.03
N LYS K 116 -5.00 -14.17 8.86
CA LYS K 116 -6.08 -13.45 8.18
C LYS K 116 -6.91 -14.44 7.40
N GLU K 117 -6.26 -15.53 7.05
CA GLU K 117 -6.82 -16.61 6.26
C GLU K 117 -7.93 -17.41 6.91
N SER K 118 -7.60 -18.41 7.72
CA SER K 118 -8.70 -19.15 8.31
C SER K 118 -9.21 -18.57 9.63
N PRO K 119 -10.50 -18.80 9.90
CA PRO K 119 -11.15 -18.33 11.12
C PRO K 119 -10.54 -19.09 12.29
N ASP K 120 -10.05 -20.30 12.03
CA ASP K 120 -9.46 -21.08 13.09
C ASP K 120 -8.03 -20.63 13.45
N LYS K 121 -7.28 -20.11 12.47
CA LYS K 121 -5.92 -19.64 12.74
C LYS K 121 -6.00 -18.33 13.52
N PHE K 122 -6.96 -17.48 13.15
CA PHE K 122 -7.14 -16.22 13.84
C PHE K 122 -7.44 -16.47 15.31
N LEU K 123 -8.46 -17.29 15.57
CA LEU K 123 -8.84 -17.62 16.93
C LEU K 123 -7.68 -18.20 17.74
N GLU K 124 -6.83 -19.02 17.12
CA GLU K 124 -5.70 -19.58 17.84
C GLU K 124 -4.77 -18.46 18.29
N VAL K 125 -4.51 -17.53 17.39
CA VAL K 125 -3.65 -16.40 17.69
C VAL K 125 -4.23 -15.59 18.85
N CYS K 126 -5.55 -15.42 18.85
CA CYS K 126 -6.22 -14.68 19.92
C CYS K 126 -5.98 -15.39 21.26
N THR K 127 -5.66 -16.67 21.19
CA THR K 127 -5.39 -17.47 22.38
C THR K 127 -4.08 -17.03 22.99
N TRP K 128 -3.16 -16.60 22.13
CA TRP K 128 -1.86 -16.14 22.57
C TRP K 128 -2.04 -14.80 23.24
N VAL K 129 -2.97 -13.98 22.75
CA VAL K 129 -3.15 -12.72 23.43
C VAL K 129 -3.80 -12.97 24.81
N ASP K 130 -4.60 -14.03 24.97
CA ASP K 130 -5.16 -14.29 26.31
C ASP K 130 -3.98 -14.57 27.24
N GLN K 131 -3.02 -15.34 26.75
CA GLN K 131 -1.85 -15.70 27.52
C GLN K 131 -1.07 -14.47 27.96
N ILE K 132 -0.82 -13.56 27.03
CA ILE K 132 -0.08 -12.35 27.36
C ILE K 132 -0.80 -11.59 28.48
N ALA K 133 -2.12 -11.48 28.42
CA ALA K 133 -2.82 -10.77 29.47
C ALA K 133 -2.80 -11.49 30.82
N ALA K 134 -2.66 -12.81 30.81
CA ALA K 134 -2.63 -13.55 32.06
C ALA K 134 -1.30 -13.27 32.73
N LEU K 135 -0.25 -13.21 31.92
CA LEU K 135 1.08 -12.90 32.42
C LEU K 135 1.09 -11.48 32.99
N ASN K 136 0.37 -10.57 32.34
CA ASN K 136 0.32 -9.19 32.82
C ASN K 136 -0.54 -9.09 34.06
N ASP K 137 -0.46 -7.93 34.72
CA ASP K 137 -1.28 -7.66 35.89
C ASP K 137 -2.53 -7.02 35.32
N SER K 138 -3.29 -7.83 34.58
CA SER K 138 -4.52 -7.45 33.89
C SER K 138 -5.69 -7.26 34.83
N LYS K 139 -6.44 -6.18 34.65
CA LYS K 139 -7.56 -5.91 35.54
C LYS K 139 -8.86 -5.39 34.93
N THR K 140 -8.83 -4.96 33.67
CA THR K 140 -10.05 -4.42 33.04
C THR K 140 -10.27 -4.92 31.62
N ARG K 141 -9.78 -6.13 31.36
CA ARG K 141 -9.90 -6.76 30.05
C ARG K 141 -11.34 -7.12 29.72
N LYS K 142 -11.77 -6.74 28.51
CA LYS K 142 -13.15 -6.99 28.09
C LYS K 142 -13.24 -7.91 26.86
N THR K 143 -12.42 -7.66 25.83
CA THR K 143 -12.45 -8.49 24.63
C THR K 143 -11.43 -9.62 24.69
N THR K 144 -11.97 -10.83 24.81
CA THR K 144 -11.24 -12.08 24.97
C THR K 144 -11.25 -12.95 23.69
N SER K 145 -10.50 -14.04 23.67
CA SER K 145 -10.55 -14.88 22.48
C SER K 145 -11.92 -15.54 22.53
N GLU K 146 -12.37 -15.82 23.75
CA GLU K 146 -13.66 -16.45 23.95
C GLU K 146 -14.73 -15.58 23.33
N THR K 147 -14.65 -14.27 23.52
CA THR K 147 -15.65 -13.39 22.93
C THR K 147 -15.57 -13.37 21.39
N VAL K 148 -14.37 -13.50 20.86
CA VAL K 148 -14.23 -13.53 19.41
C VAL K 148 -14.81 -14.82 18.90
N ARG K 149 -14.66 -15.87 19.70
CA ARG K 149 -15.17 -17.14 19.26
C ARG K 149 -16.66 -17.22 19.05
N ALA K 150 -17.45 -16.39 19.71
CA ALA K 150 -18.87 -16.44 19.45
C ALA K 150 -19.19 -15.54 18.27
N VAL K 151 -18.21 -14.92 17.66
CA VAL K 151 -18.59 -14.12 16.51
C VAL K 151 -18.30 -14.96 15.29
N LEU K 152 -18.85 -16.15 15.52
CA LEU K 152 -18.97 -17.30 14.68
C LEU K 152 -20.47 -17.57 14.56
N ASP K 153 -21.10 -16.91 13.57
CA ASP K 153 -22.54 -17.06 13.32
C ASP K 153 -22.67 -17.26 11.80
N THR L 3 32.85 -6.80 47.58
CA THR L 3 31.49 -6.93 47.03
C THR L 3 31.43 -6.05 45.78
N LYS L 4 31.99 -6.58 44.69
CA LYS L 4 32.06 -5.90 43.40
C LYS L 4 31.11 -6.58 42.41
N TYR L 5 30.08 -5.84 41.98
CA TYR L 5 29.09 -6.35 41.06
C TYR L 5 29.42 -6.32 39.59
N ASN L 6 28.77 -7.25 38.90
CA ASN L 6 28.88 -7.49 37.49
C ASN L 6 28.22 -6.35 36.68
N LYS L 7 28.86 -5.89 35.59
CA LYS L 7 28.34 -4.78 34.78
C LYS L 7 26.93 -4.99 34.21
N GLU L 8 26.75 -6.13 33.53
CA GLU L 8 25.46 -6.50 32.96
C GLU L 8 24.41 -6.45 34.05
N PHE L 9 24.77 -6.93 35.23
CA PHE L 9 23.82 -6.91 36.31
C PHE L 9 23.45 -5.48 36.71
N LEU L 10 24.45 -4.62 36.88
CA LEU L 10 24.20 -3.24 37.28
C LEU L 10 23.39 -2.44 36.26
N LEU L 11 23.73 -2.56 34.98
CA LEU L 11 23.00 -1.87 33.93
C LEU L 11 21.51 -2.23 34.06
N TYR L 12 21.22 -3.53 34.04
CA TYR L 12 19.85 -4.01 34.18
C TYR L 12 19.21 -3.44 35.44
N LEU L 13 19.91 -3.55 36.57
CA LEU L 13 19.34 -3.09 37.84
C LEU L 13 19.11 -1.58 37.90
N ALA L 14 19.99 -0.81 37.26
CA ALA L 14 19.84 0.63 37.24
C ALA L 14 18.52 0.95 36.52
N GLY L 15 18.25 0.24 35.44
CA GLY L 15 17.01 0.45 34.73
C GLY L 15 15.85 0.14 35.64
N PHE L 16 15.88 -1.03 36.26
CA PHE L 16 14.81 -1.41 37.15
C PHE L 16 14.60 -0.40 38.29
N VAL L 17 15.68 0.09 38.89
CA VAL L 17 15.56 1.05 39.99
C VAL L 17 14.99 2.37 39.51
N ASP L 18 15.39 2.79 38.32
CA ASP L 18 14.87 4.04 37.81
C ASP L 18 13.37 3.91 37.69
N GLY L 19 12.91 2.68 37.47
CA GLY L 19 11.48 2.44 37.35
C GLY L 19 10.73 2.30 38.67
N ASP L 20 11.02 1.21 39.40
CA ASP L 20 10.34 0.94 40.66
C ASP L 20 11.15 1.11 41.94
N GLY L 21 12.41 1.51 41.82
CA GLY L 21 13.25 1.68 43.00
C GLY L 21 13.04 3.01 43.69
N SER L 22 13.79 3.24 44.76
CA SER L 22 13.70 4.48 45.49
C SER L 22 14.98 4.70 46.28
N ILE L 23 15.55 5.91 46.16
CA ILE L 23 16.76 6.26 46.90
C ILE L 23 16.24 7.28 47.92
N ILE L 24 16.28 6.87 49.18
CA ILE L 24 15.70 7.68 50.25
C ILE L 24 16.62 8.16 51.37
N ALA L 25 16.43 9.41 51.77
CA ALA L 25 17.19 9.99 52.86
C ALA L 25 16.19 10.67 53.78
N GLN L 26 16.21 10.26 55.05
CA GLN L 26 15.29 10.84 56.01
C GLN L 26 16.01 11.34 57.25
N ILE L 27 15.41 12.34 57.87
CA ILE L 27 15.91 12.90 59.11
C ILE L 27 14.90 12.41 60.16
N LYS L 28 15.31 11.48 60.99
CA LYS L 28 14.41 10.90 61.97
C LYS L 28 14.50 11.43 63.40
N PRO L 29 13.43 12.08 63.88
CA PRO L 29 13.37 12.65 65.24
C PRO L 29 13.50 11.63 66.37
N ASN L 30 14.35 11.95 67.35
CA ASN L 30 14.56 11.09 68.53
C ASN L 30 15.54 11.74 69.52
N GLN L 31 15.08 11.98 70.74
CA GLN L 31 15.91 12.61 71.76
C GLN L 31 17.18 11.85 72.08
N SER L 32 17.12 10.54 71.97
CA SER L 32 18.28 9.76 72.28
C SER L 32 19.52 10.25 71.52
N TYR L 33 19.33 10.76 70.31
CA TYR L 33 20.45 11.24 69.50
C TYR L 33 21.00 12.60 69.90
N LYS L 34 22.31 12.75 69.72
CA LYS L 34 23.01 13.98 70.06
C LYS L 34 22.29 15.21 69.55
N PHE L 35 21.91 15.23 68.27
CA PHE L 35 21.20 16.40 67.77
C PHE L 35 19.69 16.21 67.71
N LYS L 36 19.20 15.22 68.46
CA LYS L 36 17.77 14.91 68.52
C LYS L 36 17.15 14.35 67.23
N HIS L 37 17.99 14.00 66.27
CA HIS L 37 17.54 13.46 64.98
C HIS L 37 18.57 12.44 64.41
N GLN L 38 18.11 11.32 63.84
CA GLN L 38 19.01 10.33 63.23
C GLN L 38 18.96 10.41 61.69
N LEU L 39 20.12 10.48 61.02
CA LEU L 39 20.17 10.52 59.55
C LEU L 39 20.10 9.09 59.08
N SER L 40 19.06 8.80 58.31
CA SER L 40 18.82 7.47 57.81
C SER L 40 18.81 7.43 56.29
N LEU L 41 19.46 6.42 55.71
CA LEU L 41 19.53 6.27 54.25
C LEU L 41 19.03 4.89 53.82
N THR L 42 18.25 4.88 52.74
CA THR L 42 17.70 3.63 52.26
C THR L 42 17.61 3.49 50.77
N PHE L 43 18.17 2.41 50.25
CA PHE L 43 18.05 2.10 48.83
C PHE L 43 16.97 1.00 48.84
N GLN L 44 15.87 1.17 48.11
CA GLN L 44 14.84 0.13 48.11
C GLN L 44 14.27 -0.19 46.73
N VAL L 45 13.78 -1.41 46.59
CA VAL L 45 13.16 -1.85 45.35
C VAL L 45 11.89 -2.51 45.83
N THR L 46 10.75 -2.00 45.36
CA THR L 46 9.43 -2.50 45.73
C THR L 46 8.88 -3.34 44.61
N GLN L 47 8.10 -4.35 44.96
CA GLN L 47 7.47 -5.19 43.97
C GLN L 47 6.36 -5.99 44.64
N LYS L 48 5.35 -6.30 43.85
CA LYS L 48 4.19 -7.06 44.28
C LYS L 48 4.64 -8.38 44.90
N THR L 49 4.02 -8.77 46.00
CA THR L 49 4.45 -9.98 46.67
C THR L 49 4.49 -11.27 45.82
N GLN L 50 3.65 -11.41 44.79
CA GLN L 50 3.75 -12.65 44.02
C GLN L 50 5.04 -12.71 43.21
N ARG L 51 5.77 -11.59 43.16
CA ARG L 51 7.03 -11.52 42.44
C ARG L 51 8.17 -11.34 43.44
N ARG L 52 7.86 -11.60 44.70
CA ARG L 52 8.85 -11.47 45.74
C ARG L 52 10.10 -12.29 45.41
N TRP L 53 9.95 -13.36 44.63
CA TRP L 53 11.11 -14.17 44.29
C TRP L 53 12.21 -13.34 43.64
N PHE L 54 11.79 -12.27 42.97
CA PHE L 54 12.68 -11.34 42.28
C PHE L 54 13.47 -10.57 43.33
N LEU L 55 12.77 -10.04 44.32
CA LEU L 55 13.43 -9.30 45.38
C LEU L 55 14.42 -10.22 46.07
N ASP L 56 14.01 -11.47 46.26
CA ASP L 56 14.86 -12.45 46.92
C ASP L 56 16.14 -12.68 46.14
N LYS L 57 16.04 -12.58 44.82
CA LYS L 57 17.19 -12.75 43.94
C LYS L 57 18.13 -11.55 44.10
N LEU L 58 17.60 -10.39 44.50
CA LEU L 58 18.46 -9.23 44.70
C LEU L 58 19.31 -9.45 45.93
N VAL L 59 18.68 -9.99 46.98
CA VAL L 59 19.39 -10.27 48.22
C VAL L 59 20.54 -11.23 47.92
N ASP L 60 20.34 -12.14 46.97
CA ASP L 60 21.39 -13.10 46.64
C ASP L 60 22.57 -12.49 45.88
N GLU L 61 22.27 -11.62 44.92
CA GLU L 61 23.32 -11.01 44.14
C GLU L 61 23.98 -9.82 44.83
N ILE L 62 23.22 -9.02 45.54
CA ILE L 62 23.85 -7.91 46.23
C ILE L 62 24.57 -8.50 47.45
N GLY L 63 24.06 -9.62 47.96
CA GLY L 63 24.68 -10.31 49.08
C GLY L 63 24.59 -9.62 50.42
N VAL L 64 23.71 -8.65 50.49
CA VAL L 64 23.52 -7.90 51.71
C VAL L 64 22.14 -7.30 51.54
N GLY L 65 21.56 -6.80 52.62
CA GLY L 65 20.23 -6.23 52.54
C GLY L 65 19.24 -7.35 52.82
N TYR L 66 17.93 -7.05 52.80
CA TYR L 66 16.93 -8.07 53.08
C TYR L 66 15.54 -7.71 52.52
N VAL L 67 14.62 -8.68 52.47
CA VAL L 67 13.28 -8.46 51.95
C VAL L 67 12.23 -8.36 53.05
N ARG L 68 11.46 -7.27 53.06
CA ARG L 68 10.43 -7.16 54.07
C ARG L 68 9.11 -7.27 53.33
N ASP L 69 8.11 -7.73 54.05
CA ASP L 69 6.79 -7.97 53.52
C ASP L 69 5.79 -7.00 54.17
N ARG L 70 5.02 -6.30 53.36
CA ARG L 70 4.01 -5.37 53.87
C ARG L 70 2.68 -5.63 53.19
N GLY L 71 2.28 -6.90 53.18
CA GLY L 71 1.03 -7.27 52.57
C GLY L 71 1.12 -7.74 51.14
N SER L 72 0.35 -7.09 50.27
CA SER L 72 0.30 -7.41 48.86
C SER L 72 1.58 -6.97 48.15
N VAL L 73 2.44 -6.28 48.88
CA VAL L 73 3.68 -5.78 48.33
C VAL L 73 4.84 -6.08 49.26
N SER L 74 6.05 -6.12 48.71
CA SER L 74 7.27 -6.39 49.46
C SER L 74 8.34 -5.39 49.02
N ASP L 75 9.45 -5.32 49.75
CA ASP L 75 10.53 -4.40 49.39
C ASP L 75 11.91 -5.00 49.67
N TYR L 76 12.81 -4.81 48.70
CA TYR L 76 14.20 -5.15 48.98
C TYR L 76 14.72 -3.94 49.73
N ILE L 77 15.39 -4.11 50.87
CA ILE L 77 15.87 -2.94 51.65
C ILE L 77 17.38 -2.96 51.97
N LEU L 78 18.09 -1.88 51.68
CA LEU L 78 19.53 -1.81 51.99
C LEU L 78 19.73 -0.49 52.73
N SER L 79 20.09 -0.56 54.00
CA SER L 79 20.32 0.65 54.81
C SER L 79 21.70 0.77 55.44
N GLU L 80 22.37 -0.36 55.64
CA GLU L 80 23.71 -0.38 56.23
C GLU L 80 24.68 0.52 55.44
N ILE L 81 25.04 1.65 56.03
CA ILE L 81 25.96 2.62 55.47
C ILE L 81 27.15 2.11 54.65
N LYS L 82 27.92 1.17 55.18
CA LYS L 82 29.08 0.65 54.46
C LYS L 82 28.74 -0.08 53.15
N PRO L 83 27.92 -1.15 53.22
CA PRO L 83 27.58 -1.88 51.98
C PRO L 83 26.72 -1.07 51.01
N LEU L 84 25.89 -0.16 51.55
CA LEU L 84 25.05 0.72 50.73
C LEU L 84 25.93 1.64 49.89
N HIS L 85 26.96 2.22 50.53
CA HIS L 85 27.91 3.09 49.83
C HIS L 85 28.62 2.30 48.74
N ASN L 86 29.04 1.09 49.07
CA ASN L 86 29.72 0.23 48.11
C ASN L 86 28.80 -0.10 46.94
N PHE L 87 27.53 -0.37 47.23
CA PHE L 87 26.57 -0.71 46.19
C PHE L 87 26.22 0.47 45.29
N LEU L 88 25.79 1.60 45.88
CA LEU L 88 25.46 2.78 45.08
C LEU L 88 26.63 3.28 44.23
N THR L 89 27.85 3.23 44.76
CA THR L 89 29.01 3.66 43.99
C THR L 89 29.06 2.95 42.64
N GLN L 90 28.76 1.65 42.65
CA GLN L 90 28.81 0.86 41.43
C GLN L 90 27.59 0.97 40.55
N LEU L 91 26.47 1.38 41.12
CA LEU L 91 25.23 1.51 40.37
C LEU L 91 25.10 2.91 39.78
N GLN L 92 25.65 3.88 40.50
CA GLN L 92 25.60 5.29 40.16
C GLN L 92 25.86 5.64 38.69
N PRO L 93 26.84 4.99 38.06
CA PRO L 93 27.15 5.28 36.66
C PRO L 93 26.09 4.92 35.64
N PHE L 94 25.12 4.11 36.02
CA PHE L 94 24.12 3.69 35.07
C PHE L 94 22.77 4.30 35.28
N LEU L 95 22.61 4.93 36.43
CA LEU L 95 21.35 5.59 36.75
C LEU L 95 21.08 6.76 35.83
N LYS L 96 19.82 6.94 35.48
CA LYS L 96 19.42 8.06 34.62
C LYS L 96 18.39 8.93 35.32
N LEU L 97 17.41 8.34 35.99
CA LEU L 97 16.44 9.18 36.66
C LEU L 97 16.80 9.46 38.11
N LYS L 98 17.49 8.52 38.75
CA LYS L 98 17.83 8.68 40.17
C LYS L 98 19.32 8.78 40.46
N GLN L 99 20.09 9.19 39.46
CA GLN L 99 21.51 9.33 39.60
C GLN L 99 21.86 10.47 40.56
N LYS L 100 21.14 11.57 40.46
CA LYS L 100 21.42 12.68 41.35
C LYS L 100 21.21 12.29 42.81
N GLN L 101 20.04 11.73 43.15
CA GLN L 101 19.85 11.36 44.53
C GLN L 101 20.87 10.31 44.96
N ALA L 102 21.32 9.45 44.04
CA ALA L 102 22.35 8.49 44.43
C ALA L 102 23.66 9.24 44.74
N ASN L 103 23.97 10.25 43.93
CA ASN L 103 25.16 11.06 44.16
C ASN L 103 25.09 11.76 45.52
N LEU L 104 23.90 12.28 45.86
CA LEU L 104 23.71 12.96 47.14
C LEU L 104 23.90 12.02 48.32
N VAL L 105 23.31 10.83 48.23
CA VAL L 105 23.45 9.86 49.30
C VAL L 105 24.91 9.48 49.48
N LEU L 106 25.62 9.27 48.39
CA LEU L 106 27.04 8.92 48.47
C LEU L 106 27.80 10.03 49.21
N LYS L 107 27.42 11.27 48.93
CA LYS L 107 28.04 12.45 49.52
C LYS L 107 27.65 12.56 51.01
N ILE L 108 26.40 12.26 51.34
CA ILE L 108 25.96 12.31 52.72
C ILE L 108 26.70 11.26 53.53
N ILE L 109 26.84 10.05 52.98
CA ILE L 109 27.53 9.00 53.70
C ILE L 109 28.97 9.39 54.05
N GLU L 110 29.74 9.80 53.04
CA GLU L 110 31.14 10.21 53.21
C GLU L 110 31.30 11.35 54.22
N GLN L 111 30.21 12.05 54.47
CA GLN L 111 30.19 13.21 55.35
C GLN L 111 29.70 12.97 56.79
N LEU L 112 29.14 11.80 57.07
CA LEU L 112 28.60 11.53 58.41
C LEU L 112 29.52 11.76 59.60
N PRO L 113 30.75 11.25 59.55
CA PRO L 113 31.68 11.42 60.65
C PRO L 113 31.72 12.89 61.11
N SER L 114 32.08 13.78 60.21
CA SER L 114 32.16 15.21 60.55
C SER L 114 30.81 15.88 60.83
N ALA L 115 29.70 15.21 60.56
CA ALA L 115 28.39 15.80 60.79
C ALA L 115 27.91 15.61 62.22
N LYS L 116 28.59 14.71 62.93
CA LYS L 116 28.26 14.44 64.32
C LYS L 116 28.91 15.56 65.12
N GLU L 117 30.08 15.98 64.64
CA GLU L 117 30.89 17.03 65.26
C GLU L 117 30.19 18.38 65.51
N SER L 118 29.94 19.21 64.51
CA SER L 118 29.28 20.48 64.83
C SER L 118 27.79 20.51 64.46
N PRO L 119 27.02 21.42 65.10
CA PRO L 119 25.57 21.60 64.88
C PRO L 119 25.29 22.22 63.53
N ASP L 120 26.31 22.90 62.99
CA ASP L 120 26.17 23.54 61.69
C ASP L 120 26.51 22.55 60.57
N LYS L 121 27.43 21.62 60.82
CA LYS L 121 27.77 20.65 59.78
C LYS L 121 26.58 19.70 59.62
N PHE L 122 25.99 19.31 60.74
CA PHE L 122 24.82 18.41 60.73
C PHE L 122 23.71 19.05 59.93
N LEU L 123 23.35 20.29 60.28
CA LEU L 123 22.28 20.98 59.58
C LEU L 123 22.52 21.04 58.09
N GLU L 124 23.75 21.33 57.68
CA GLU L 124 24.10 21.40 56.26
C GLU L 124 23.79 20.08 55.58
N VAL L 125 24.23 18.99 56.19
CA VAL L 125 23.99 17.67 55.62
C VAL L 125 22.48 17.48 55.44
N CYS L 126 21.68 17.91 56.41
CA CYS L 126 20.22 17.79 56.33
C CYS L 126 19.68 18.56 55.15
N THR L 127 20.50 19.47 54.64
CA THR L 127 20.10 20.27 53.51
C THR L 127 20.16 19.36 52.30
N TRP L 128 21.14 18.47 52.30
CA TRP L 128 21.31 17.52 51.21
C TRP L 128 20.15 16.56 51.19
N VAL L 129 19.60 16.20 52.34
CA VAL L 129 18.47 15.30 52.29
C VAL L 129 17.23 16.08 51.83
N ASP L 130 17.19 17.40 52.01
CA ASP L 130 16.04 18.16 51.50
C ASP L 130 16.11 18.03 49.98
N GLN L 131 17.32 18.13 49.44
CA GLN L 131 17.50 18.05 48.00
C GLN L 131 17.04 16.70 47.46
N ILE L 132 17.50 15.63 48.10
CA ILE L 132 17.11 14.31 47.66
C ILE L 132 15.59 14.17 47.57
N ALA L 133 14.87 14.65 48.59
CA ALA L 133 13.42 14.54 48.57
C ALA L 133 12.75 15.40 47.50
N ALA L 134 13.38 16.50 47.13
CA ALA L 134 12.85 17.39 46.11
C ALA L 134 12.95 16.66 44.78
N LEU L 135 14.07 15.97 44.58
CA LEU L 135 14.28 15.22 43.37
C LEU L 135 13.24 14.09 43.28
N ASN L 136 12.98 13.45 44.41
CA ASN L 136 11.99 12.36 44.45
C ASN L 136 10.57 12.90 44.29
N ASP L 137 9.63 12.00 44.04
CA ASP L 137 8.23 12.38 43.90
C ASP L 137 7.69 12.31 45.33
N SER L 138 8.22 13.19 46.17
CA SER L 138 7.86 13.26 47.57
C SER L 138 6.49 13.86 47.78
N LYS L 139 5.72 13.26 48.68
CA LYS L 139 4.38 13.74 48.94
C LYS L 139 3.95 13.73 50.40
N THR L 140 4.68 13.07 51.30
CA THR L 140 4.25 13.08 52.71
C THR L 140 5.40 13.31 53.68
N ARG L 141 6.38 14.09 53.25
CA ARG L 141 7.54 14.41 54.06
C ARG L 141 7.14 15.32 55.23
N LYS L 142 7.62 15.01 56.43
CA LYS L 142 7.31 15.81 57.62
C LYS L 142 8.54 16.48 58.22
N THR L 143 9.54 15.66 58.53
CA THR L 143 10.78 16.13 59.12
C THR L 143 11.76 16.63 58.06
N THR L 144 11.88 17.95 58.04
CA THR L 144 12.69 18.73 57.12
C THR L 144 13.99 19.22 57.77
N SER L 145 14.88 19.86 57.00
CA SER L 145 16.10 20.39 57.59
C SER L 145 15.68 21.60 58.41
N GLU L 146 14.65 22.27 57.91
CA GLU L 146 14.11 23.45 58.58
C GLU L 146 13.61 23.09 59.97
N THR L 147 12.89 21.97 60.07
CA THR L 147 12.37 21.56 61.36
C THR L 147 13.53 21.24 62.31
N VAL L 148 14.59 20.63 61.79
CA VAL L 148 15.74 20.32 62.63
C VAL L 148 16.36 21.61 63.13
N ARG L 149 16.18 22.68 62.36
CA ARG L 149 16.78 23.92 62.78
C ARG L 149 16.15 24.54 64.01
N ALA L 150 15.06 23.97 64.49
CA ALA L 150 14.45 24.49 65.71
C ALA L 150 15.21 23.81 66.85
N VAL L 151 16.47 23.43 66.56
CA VAL L 151 17.33 22.81 67.56
C VAL L 151 17.85 24.00 68.34
N LEU L 152 17.74 25.17 67.71
CA LEU L 152 18.15 26.44 68.28
C LEU L 152 17.64 26.43 69.74
N ASP L 153 18.48 25.86 70.61
CA ASP L 153 18.19 25.70 72.03
C ASP L 153 16.87 24.96 72.29
CA CA M . -9.96 -5.15 -35.48
CA CA N . -13.61 -4.25 -35.21
CA CA O . -6.62 -3.46 -36.48
CA CA P . 6.34 1.65 38.71
CA CA Q . 6.43 -2.40 38.10
CA CA R . 8.60 4.75 38.11
NA NA S . -23.35 -8.85 -28.60
NA NA T . 4.61 -6.67 -41.76
NA NA U . -1.89 -11.73 36.14
NA NA V . 9.59 16.13 43.12
#